data_1X6N
#
_entry.id   1X6N
#
_cell.length_a   76.670
_cell.length_b   133.070
_cell.length_c   192.220
_cell.angle_alpha   90.00
_cell.angle_beta   90.00
_cell.angle_gamma   90.00
#
_symmetry.space_group_name_H-M   'I 2 2 2'
#
loop_
_entity.id
_entity.type
_entity.pdbx_description
1 polymer 'Chitinase A'
2 branched 2-acetamido-2-deoxy-beta-D-allopyranose-(1-4)-2-acetamido-2-deoxy-beta-D-allopyranose
3 non-polymer ALLOSAMIZOLINE
4 water water
#
_entity_poly.entity_id   1
_entity_poly.type   'polypeptide(L)'
_entity_poly.pdbx_seq_one_letter_code
;MRKFNKPLLALLIGSTLCSAAQAAAPGKPTIAWGNTKFAIVEVDQAATAYNNLVKVKNAADVSVSWNLWNGDAGTTAKIL
LNGKEAWSGPSTGSSGTANFKVNKGGRYQMQVALCNADGCTASDATEIVVADTDGSHLPPLKESLLEKNKPYKQNSGKVV
GSYFVEAGVYGRNFTVDKIPAQNLTHLLYGFIPICGGNGINDSLKEIEGSFQALQRSCQGREDFKISIHDPFAALQKAQK
GVTAWDDPYKGNFGQLMALKQAHPDLKILPSIGGWTLSDPFFFMGDKVKRDRFVGSVKEFLQTWKFFDGVDIDWEFPGGK
GANPNLGSPQDGETYVLLMKELRAMLDQLSAETGRKYELTSAISAGKDKIDKVAYNVAQNSMDHIFLMSYDFYGAFDLKN
LGHQTALNAPAWKPDTAYTTVNGVNALLAQGVKPGKIVVGTAMYGRGWTGVNGYQNNIPFTGTATGPVKGTWENGIVDYR
QIASQFMSGEWQYTYDATAEAPYVFKPSTGDLITFDDARSVQAKGKYVLDKQLGGLFSWEIDADNGDILNSMNASLGNSA
GVQ
;
_entity_poly.pdbx_strand_id   A
#
loop_
_chem_comp.id
_chem_comp.type
_chem_comp.name
_chem_comp.formula
AMI non-polymer ALLOSAMIZOLINE 'C9 H16 N2 O4'
NAA D-saccharide, beta linking 2-acetamido-2-deoxy-beta-D-allopyranose 'C8 H15 N O6'
#
# COMPACT_ATOMS: atom_id res chain seq x y z
N ALA A 24 24.61 8.50 54.04
CA ALA A 24 23.30 8.72 53.37
C ALA A 24 23.42 8.55 51.87
N ALA A 25 22.29 8.34 51.21
CA ALA A 25 22.25 8.15 49.77
C ALA A 25 22.71 9.42 49.05
N PRO A 26 23.08 9.31 47.75
CA PRO A 26 23.53 10.46 46.97
C PRO A 26 22.47 11.52 46.75
N GLY A 27 22.90 12.72 46.35
CA GLY A 27 21.96 13.78 46.08
C GLY A 27 21.17 13.41 44.83
N LYS A 28 20.13 14.17 44.52
CA LYS A 28 19.30 13.91 43.36
C LYS A 28 19.83 14.68 42.16
N PRO A 29 20.27 13.95 41.12
CA PRO A 29 20.81 14.59 39.91
C PRO A 29 19.73 15.18 39.00
N THR A 30 20.16 16.12 38.17
CA THR A 30 19.27 16.77 37.21
C THR A 30 19.74 16.41 35.80
N ILE A 31 18.81 15.93 34.98
CA ILE A 31 19.15 15.59 33.59
C ILE A 31 19.42 16.88 32.82
N ALA A 32 20.55 16.91 32.10
CA ALA A 32 20.97 18.07 31.32
C ALA A 32 20.24 18.20 29.97
N TRP A 33 20.13 19.45 29.51
CA TRP A 33 19.47 19.76 28.24
C TRP A 33 20.14 18.96 27.13
N GLY A 34 19.34 18.52 26.16
CA GLY A 34 19.90 17.77 25.05
C GLY A 34 18.84 17.02 24.25
N ASN A 35 19.18 16.68 23.01
CA ASN A 35 18.27 15.94 22.15
C ASN A 35 17.86 14.63 22.82
N THR A 36 16.57 14.31 22.73
CA THR A 36 16.02 13.10 23.32
C THR A 36 15.42 12.16 22.26
N LYS A 37 15.60 12.48 20.98
CA LYS A 37 15.04 11.65 19.91
C LYS A 37 16.11 10.90 19.14
N PHE A 38 16.03 9.58 19.18
CA PHE A 38 17.00 8.72 18.52
C PHE A 38 16.30 7.70 17.63
N ALA A 39 17.06 7.05 16.75
CA ALA A 39 16.46 6.07 15.86
C ALA A 39 17.35 4.85 15.65
N ILE A 40 16.71 3.68 15.55
CA ILE A 40 17.41 2.42 15.32
C ILE A 40 17.71 2.37 13.81
N VAL A 41 16.74 2.78 13.02
CA VAL A 41 16.89 2.83 11.58
C VAL A 41 16.90 4.32 11.27
N GLU A 42 18.03 4.82 10.79
CA GLU A 42 18.16 6.23 10.51
C GLU A 42 17.79 6.59 9.08
N VAL A 43 17.10 7.72 8.94
CA VAL A 43 16.67 8.22 7.65
C VAL A 43 17.22 9.61 7.42
N ASP A 44 17.76 9.85 6.22
CA ASP A 44 18.31 11.14 5.86
C ASP A 44 17.17 11.96 5.26
N GLN A 45 16.59 12.84 6.07
CA GLN A 45 15.47 13.66 5.61
C GLN A 45 15.78 14.55 4.40
N ALA A 46 17.04 14.60 3.99
CA ALA A 46 17.42 15.41 2.84
C ALA A 46 17.81 14.59 1.61
N ALA A 47 17.99 13.29 1.78
CA ALA A 47 18.40 12.43 0.68
C ALA A 47 17.37 12.30 -0.44
N THR A 48 17.86 12.18 -1.66
CA THR A 48 17.00 12.01 -2.83
C THR A 48 17.24 10.61 -3.41
N ALA A 49 18.41 10.05 -3.10
CA ALA A 49 18.77 8.71 -3.58
C ALA A 49 18.45 7.69 -2.49
N TYR A 50 17.78 6.62 -2.87
CA TYR A 50 17.40 5.60 -1.90
C TYR A 50 18.61 5.04 -1.14
N ASN A 51 19.74 4.90 -1.81
CA ASN A 51 20.92 4.36 -1.13
C ASN A 51 21.43 5.25 0.01
N ASN A 52 21.07 6.53 -0.02
CA ASN A 52 21.48 7.47 1.02
C ASN A 52 20.33 7.78 1.98
N LEU A 53 19.14 7.32 1.62
CA LEU A 53 17.93 7.59 2.40
C LEU A 53 17.79 6.88 3.75
N VAL A 54 18.19 5.62 3.82
CA VAL A 54 18.02 4.85 5.05
C VAL A 54 19.20 3.96 5.41
N LYS A 55 19.45 3.83 6.71
CA LYS A 55 20.53 3.01 7.22
C LYS A 55 20.04 2.24 8.45
N VAL A 56 20.05 0.92 8.37
CA VAL A 56 19.60 0.08 9.48
C VAL A 56 20.75 -0.20 10.45
N LYS A 57 20.48 -0.05 11.74
CA LYS A 57 21.47 -0.31 12.79
C LYS A 57 20.86 -1.39 13.69
N ASN A 58 21.68 -2.05 14.49
CA ASN A 58 21.14 -3.07 15.37
C ASN A 58 20.57 -2.45 16.64
N ALA A 59 20.85 -1.16 16.83
CA ALA A 59 20.36 -0.43 17.99
C ALA A 59 20.66 1.06 17.87
N ALA A 60 19.93 1.87 18.61
CA ALA A 60 20.15 3.32 18.57
C ALA A 60 21.22 3.72 19.58
N ASP A 61 22.03 4.70 19.21
CA ASP A 61 23.06 5.19 20.11
C ASP A 61 22.46 6.36 20.87
N VAL A 62 22.18 6.13 22.14
CA VAL A 62 21.57 7.15 22.98
C VAL A 62 22.61 7.76 23.90
N SER A 63 22.43 9.04 24.20
CA SER A 63 23.35 9.73 25.08
C SER A 63 22.56 10.56 26.09
N VAL A 64 23.04 10.58 27.34
CA VAL A 64 22.39 11.35 28.41
C VAL A 64 23.43 11.97 29.30
N SER A 65 23.19 13.22 29.72
CA SER A 65 24.10 13.92 30.61
C SER A 65 23.32 14.39 31.83
N TRP A 66 24.03 14.71 32.91
CA TRP A 66 23.37 15.13 34.14
C TRP A 66 24.26 16.02 34.97
N ASN A 67 23.64 16.71 35.93
CA ASN A 67 24.34 17.62 36.83
C ASN A 67 23.78 17.42 38.23
N LEU A 68 24.59 17.72 39.24
CA LEU A 68 24.17 17.60 40.63
C LEU A 68 24.65 18.84 41.38
N TRP A 69 23.71 19.60 41.95
CA TRP A 69 24.06 20.83 42.66
C TRP A 69 24.06 20.68 44.19
N ASN A 70 23.21 19.79 44.71
CA ASN A 70 23.14 19.57 46.15
C ASN A 70 23.28 18.10 46.56
N GLY A 71 24.28 17.80 47.38
CA GLY A 71 24.49 16.44 47.83
C GLY A 71 25.70 15.76 47.22
N ASP A 72 25.99 14.57 47.74
CA ASP A 72 27.10 13.75 47.32
C ASP A 72 26.79 13.11 45.96
N ALA A 73 27.76 13.06 45.05
CA ALA A 73 27.53 12.47 43.72
C ALA A 73 27.50 10.94 43.73
N GLY A 74 27.65 10.32 44.89
CA GLY A 74 27.62 8.87 44.97
C GLY A 74 28.89 8.24 44.41
N THR A 75 28.86 6.92 44.22
CA THR A 75 30.05 6.24 43.69
C THR A 75 29.75 5.53 42.36
N THR A 76 28.47 5.29 42.09
CA THR A 76 28.07 4.64 40.85
C THR A 76 26.90 5.39 40.22
N ALA A 77 26.96 5.58 38.90
CA ALA A 77 25.89 6.25 38.17
C ALA A 77 25.22 5.23 37.27
N LYS A 78 23.90 5.32 37.15
CA LYS A 78 23.14 4.40 36.32
C LYS A 78 22.08 5.10 35.49
N ILE A 79 21.79 4.55 34.33
CA ILE A 79 20.74 5.10 33.48
C ILE A 79 19.62 4.07 33.54
N LEU A 80 18.42 4.52 33.88
CA LEU A 80 17.26 3.64 33.95
C LEU A 80 16.25 3.98 32.86
N LEU A 81 15.68 2.95 32.25
CA LEU A 81 14.66 3.12 31.22
C LEU A 81 13.47 2.36 31.76
N ASN A 82 12.42 3.09 32.11
CA ASN A 82 11.22 2.50 32.70
C ASN A 82 11.61 1.66 33.92
N GLY A 83 12.59 2.15 34.68
CA GLY A 83 13.03 1.44 35.87
C GLY A 83 14.05 0.33 35.66
N LYS A 84 14.40 0.06 34.40
CA LYS A 84 15.35 -1.00 34.09
C LYS A 84 16.74 -0.44 33.72
N GLU A 85 17.77 -0.89 34.41
CA GLU A 85 19.13 -0.44 34.16
C GLU A 85 19.57 -0.67 32.72
N ALA A 86 20.10 0.36 32.08
CA ALA A 86 20.56 0.25 30.71
C ALA A 86 22.01 0.67 30.59
N TRP A 87 22.57 1.15 31.70
CA TRP A 87 23.95 1.60 31.74
C TRP A 87 24.37 1.84 33.18
N SER A 88 25.66 1.65 33.45
CA SER A 88 26.21 1.89 34.79
C SER A 88 27.67 2.24 34.62
N GLY A 89 28.19 3.07 35.51
CA GLY A 89 29.58 3.47 35.43
C GLY A 89 29.97 4.21 36.69
N PRO A 90 31.27 4.50 36.87
CA PRO A 90 31.73 5.22 38.06
C PRO A 90 31.20 6.64 38.08
N SER A 91 30.76 7.11 39.25
CA SER A 91 30.27 8.48 39.36
C SER A 91 31.44 9.30 39.91
N THR A 92 32.28 9.77 39.01
CA THR A 92 33.47 10.52 39.39
C THR A 92 33.31 12.02 39.57
N GLY A 93 32.19 12.58 39.16
CA GLY A 93 32.02 14.02 39.32
C GLY A 93 30.58 14.48 39.55
N SER A 94 30.43 15.79 39.79
CA SER A 94 29.12 16.37 40.03
C SER A 94 28.28 16.38 38.74
N SER A 95 28.94 16.16 37.62
CA SER A 95 28.25 16.10 36.33
C SER A 95 28.80 14.91 35.57
N GLY A 96 28.06 14.44 34.57
CA GLY A 96 28.53 13.29 33.82
C GLY A 96 27.72 13.00 32.56
N THR A 97 28.25 12.10 31.73
CA THR A 97 27.59 11.72 30.50
C THR A 97 27.66 10.22 30.31
N ALA A 98 26.57 9.64 29.78
CA ALA A 98 26.53 8.21 29.52
C ALA A 98 26.13 7.97 28.06
N ASN A 99 26.83 7.03 27.43
CA ASN A 99 26.55 6.68 26.05
C ASN A 99 26.19 5.20 26.08
N PHE A 100 25.06 4.84 25.50
CA PHE A 100 24.64 3.46 25.52
C PHE A 100 23.70 3.15 24.38
N LYS A 101 23.41 1.87 24.18
CA LYS A 101 22.56 1.46 23.09
C LYS A 101 21.19 0.98 23.53
N VAL A 102 20.20 1.18 22.67
CA VAL A 102 18.83 0.74 22.92
C VAL A 102 18.42 0.00 21.64
N ASN A 103 18.21 -1.30 21.75
CA ASN A 103 17.86 -2.12 20.60
C ASN A 103 16.37 -2.38 20.38
N LYS A 104 15.52 -1.64 21.09
CA LYS A 104 14.10 -1.83 20.93
C LYS A 104 13.40 -0.47 20.88
N GLY A 105 12.61 -0.27 19.85
CA GLY A 105 11.91 0.99 19.69
C GLY A 105 10.86 1.26 20.75
N GLY A 106 10.54 2.52 20.96
CA GLY A 106 9.54 2.88 21.95
C GLY A 106 9.80 4.24 22.59
N ARG A 107 8.91 4.63 23.48
CA ARG A 107 9.05 5.88 24.20
C ARG A 107 9.34 5.47 25.64
N TYR A 108 10.50 5.87 26.15
CA TYR A 108 10.90 5.49 27.49
C TYR A 108 11.03 6.63 28.48
N GLN A 109 10.68 6.32 29.73
CA GLN A 109 10.80 7.27 30.83
C GLN A 109 12.22 7.01 31.33
N MET A 110 13.13 7.93 31.02
CA MET A 110 14.53 7.77 31.38
C MET A 110 14.94 8.54 32.64
N GLN A 111 15.75 7.90 33.47
CA GLN A 111 16.23 8.51 34.71
C GLN A 111 17.70 8.25 34.94
N VAL A 112 18.37 9.16 35.64
CA VAL A 112 19.77 9.00 36.00
C VAL A 112 19.72 8.72 37.50
N ALA A 113 20.41 7.67 37.95
CA ALA A 113 20.44 7.35 39.36
C ALA A 113 21.86 7.31 39.87
N LEU A 114 22.09 8.00 40.98
CA LEU A 114 23.41 8.02 41.59
C LEU A 114 23.28 7.12 42.82
N CYS A 115 24.22 6.18 42.94
CA CYS A 115 24.17 5.23 44.05
C CYS A 115 25.47 5.14 44.84
N ASN A 116 25.35 4.74 46.10
CA ASN A 116 26.49 4.52 46.97
C ASN A 116 26.07 3.44 47.95
N ALA A 117 26.91 3.16 48.95
CA ALA A 117 26.58 2.12 49.91
C ALA A 117 25.21 2.27 50.55
N ASP A 118 24.83 3.51 50.88
CA ASP A 118 23.55 3.75 51.52
C ASP A 118 22.31 3.74 50.64
N GLY A 119 22.49 3.60 49.32
CA GLY A 119 21.33 3.55 48.44
C GLY A 119 21.45 4.33 47.15
N CYS A 120 20.37 4.32 46.38
CA CYS A 120 20.33 5.02 45.11
C CYS A 120 19.34 6.17 45.14
N THR A 121 19.64 7.23 44.41
CA THR A 121 18.76 8.40 44.32
C THR A 121 18.56 8.69 42.83
N ALA A 122 17.32 8.56 42.37
CA ALA A 122 17.01 8.78 40.96
C ALA A 122 16.47 10.17 40.65
N SER A 123 16.79 10.66 39.46
CA SER A 123 16.33 11.96 39.01
C SER A 123 14.89 11.80 38.54
N ASP A 124 14.22 12.91 38.26
CA ASP A 124 12.86 12.83 37.73
C ASP A 124 13.04 12.29 36.30
N ALA A 125 12.00 11.68 35.76
CA ALA A 125 12.08 11.09 34.42
C ALA A 125 12.03 12.06 33.26
N THR A 126 12.79 11.74 32.21
CA THR A 126 12.80 12.53 30.99
C THR A 126 12.44 11.52 29.91
N GLU A 127 11.50 11.87 29.04
CA GLU A 127 11.11 10.95 27.99
C GLU A 127 12.09 10.98 26.84
N ILE A 128 12.50 9.81 26.39
CA ILE A 128 13.38 9.74 25.23
C ILE A 128 12.65 8.87 24.23
N VAL A 129 12.78 9.19 22.96
CA VAL A 129 12.12 8.43 21.92
C VAL A 129 13.12 7.67 21.06
N VAL A 130 12.94 6.35 20.99
CA VAL A 130 13.78 5.49 20.18
C VAL A 130 12.89 4.97 19.06
N ALA A 131 13.09 5.52 17.86
CA ALA A 131 12.26 5.13 16.73
C ALA A 131 12.74 3.88 16.01
N ASP A 132 11.78 3.14 15.47
CA ASP A 132 12.05 1.95 14.70
C ASP A 132 10.93 1.93 13.67
N THR A 133 11.18 1.32 12.51
CA THR A 133 10.20 1.32 11.44
C THR A 133 8.95 0.48 11.63
N ASP A 134 8.77 -0.08 12.81
CA ASP A 134 7.57 -0.85 13.08
C ASP A 134 6.56 0.12 13.71
N GLY A 135 7.02 1.34 13.96
CA GLY A 135 6.18 2.38 14.55
C GLY A 135 6.03 2.31 16.07
N SER A 136 6.81 1.45 16.72
CA SER A 136 6.73 1.30 18.17
C SER A 136 6.93 2.58 18.99
N HIS A 137 7.43 3.63 18.35
CA HIS A 137 7.65 4.90 19.05
C HIS A 137 6.52 5.88 18.79
N LEU A 138 5.54 5.47 18.00
CA LEU A 138 4.43 6.36 17.65
C LEU A 138 3.08 6.06 18.28
N PRO A 139 2.34 7.12 18.64
CA PRO A 139 1.01 6.92 19.23
C PRO A 139 0.12 6.44 18.08
N PRO A 140 -0.92 5.66 18.38
CA PRO A 140 -1.80 5.16 17.33
C PRO A 140 -2.41 6.26 16.46
N LEU A 141 -2.47 6.03 15.14
CA LEU A 141 -3.07 6.99 14.23
C LEU A 141 -4.51 6.53 14.07
N LYS A 142 -5.37 7.00 14.97
CA LYS A 142 -6.79 6.62 14.97
C LYS A 142 -7.65 7.82 14.59
N GLU A 143 -7.83 8.03 13.30
CA GLU A 143 -8.61 9.16 12.81
C GLU A 143 -10.09 8.83 12.61
N SER A 144 -10.92 9.87 12.70
CA SER A 144 -12.36 9.72 12.51
C SER A 144 -12.63 9.41 11.04
N LEU A 145 -13.74 8.73 10.79
CA LEU A 145 -14.12 8.40 9.42
C LEU A 145 -14.56 9.70 8.75
N LEU A 146 -14.26 9.82 7.47
CA LEU A 146 -14.62 11.03 6.71
C LEU A 146 -15.69 10.75 5.66
N GLU A 147 -16.17 11.83 5.04
CA GLU A 147 -17.20 11.75 4.01
C GLU A 147 -18.34 10.81 4.39
N LYS A 148 -18.72 9.89 3.51
CA LYS A 148 -19.84 8.97 3.81
C LYS A 148 -19.43 7.65 4.45
N ASN A 149 -18.15 7.47 4.74
CA ASN A 149 -17.69 6.22 5.34
C ASN A 149 -18.39 5.93 6.67
N LYS A 150 -18.81 4.68 6.84
CA LYS A 150 -19.49 4.22 8.04
C LYS A 150 -18.65 3.07 8.62
N PRO A 151 -18.58 2.97 9.96
CA PRO A 151 -17.80 1.92 10.64
C PRO A 151 -18.31 0.49 10.51
N TYR A 152 -17.38 -0.44 10.23
CA TYR A 152 -17.69 -1.86 10.08
C TYR A 152 -16.68 -2.71 10.83
N LYS A 153 -17.12 -3.85 11.33
CA LYS A 153 -16.25 -4.77 12.04
C LYS A 153 -15.80 -5.84 11.05
N GLN A 154 -14.51 -6.13 11.03
CA GLN A 154 -13.99 -7.16 10.13
C GLN A 154 -14.24 -8.52 10.74
N ASN A 155 -15.48 -8.98 10.71
CA ASN A 155 -15.83 -10.27 11.31
C ASN A 155 -16.45 -11.27 10.34
N SER A 156 -16.43 -10.97 9.05
CA SER A 156 -16.99 -11.86 8.04
C SER A 156 -15.99 -12.93 7.66
N GLY A 157 -14.71 -12.68 7.93
CA GLY A 157 -13.67 -13.61 7.60
C GLY A 157 -13.24 -13.45 6.15
N LYS A 158 -13.80 -12.45 5.47
CA LYS A 158 -13.47 -12.21 4.08
C LYS A 158 -12.48 -11.06 3.92
N VAL A 159 -11.72 -11.10 2.83
CA VAL A 159 -10.75 -10.05 2.53
C VAL A 159 -11.48 -8.78 2.11
N VAL A 160 -11.07 -7.65 2.66
CA VAL A 160 -11.62 -6.35 2.28
C VAL A 160 -10.40 -5.47 2.10
N GLY A 161 -9.97 -5.28 0.86
CA GLY A 161 -8.77 -4.49 0.65
C GLY A 161 -8.93 -3.32 -0.28
N SER A 162 -7.89 -2.49 -0.31
CA SER A 162 -7.88 -1.34 -1.19
C SER A 162 -6.46 -0.85 -1.35
N TYR A 163 -6.21 -0.15 -2.45
CA TYR A 163 -4.90 0.39 -2.74
C TYR A 163 -4.82 1.89 -2.48
N PHE A 164 -3.74 2.30 -1.83
CA PHE A 164 -3.48 3.70 -1.55
C PHE A 164 -2.34 4.08 -2.48
N VAL A 165 -2.45 5.22 -3.16
CA VAL A 165 -1.38 5.62 -4.08
C VAL A 165 -0.45 6.66 -3.50
N GLU A 166 0.84 6.36 -3.57
CA GLU A 166 1.89 7.24 -3.06
C GLU A 166 1.80 8.68 -3.58
N ALA A 167 1.54 8.83 -4.87
CA ALA A 167 1.46 10.15 -5.49
C ALA A 167 0.15 10.89 -5.25
N GLY A 168 -0.77 10.29 -4.50
CA GLY A 168 -2.04 10.93 -4.25
C GLY A 168 -2.01 12.02 -3.18
N VAL A 169 -0.88 12.16 -2.50
CA VAL A 169 -0.76 13.14 -1.43
C VAL A 169 -0.57 14.58 -1.90
N TYR A 170 -0.38 14.78 -3.20
CA TYR A 170 -0.19 16.12 -3.74
C TYR A 170 -1.52 16.73 -4.16
N GLY A 171 -1.75 16.81 -5.47
CA GLY A 171 -2.99 17.36 -5.99
C GLY A 171 -4.27 16.67 -5.53
N ARG A 172 -4.24 15.36 -5.39
CA ARG A 172 -5.43 14.63 -4.94
C ARG A 172 -5.63 14.88 -3.45
N ASN A 173 -4.57 15.35 -2.80
CA ASN A 173 -4.57 15.65 -1.37
C ASN A 173 -5.13 14.55 -0.47
N PHE A 174 -4.91 13.29 -0.85
CA PHE A 174 -5.41 12.18 -0.06
C PHE A 174 -4.25 11.49 0.67
N THR A 175 -4.20 11.72 1.98
CA THR A 175 -3.16 11.19 2.85
C THR A 175 -3.59 9.96 3.63
N VAL A 176 -2.62 9.30 4.26
CA VAL A 176 -2.87 8.09 5.03
C VAL A 176 -3.89 8.31 6.14
N ASP A 177 -3.91 9.51 6.73
CA ASP A 177 -4.86 9.78 7.80
C ASP A 177 -6.30 9.82 7.31
N LYS A 178 -6.50 9.91 5.99
CA LYS A 178 -7.86 9.95 5.44
C LYS A 178 -8.37 8.56 5.05
N ILE A 179 -7.53 7.55 5.23
CA ILE A 179 -7.91 6.19 4.91
C ILE A 179 -8.85 5.64 5.98
N PRO A 180 -10.01 5.09 5.57
CA PRO A 180 -10.95 4.53 6.55
C PRO A 180 -10.43 3.14 6.89
N ALA A 181 -9.24 3.13 7.50
CA ALA A 181 -8.52 1.91 7.86
C ALA A 181 -9.27 0.81 8.60
N GLN A 182 -10.18 1.18 9.51
CA GLN A 182 -10.90 0.16 10.26
C GLN A 182 -11.80 -0.69 9.38
N ASN A 183 -12.11 -0.20 8.17
CA ASN A 183 -12.97 -0.92 7.24
C ASN A 183 -12.23 -1.77 6.21
N LEU A 184 -10.98 -2.09 6.51
CA LEU A 184 -10.16 -2.90 5.61
C LEU A 184 -9.43 -4.00 6.36
N THR A 185 -9.10 -5.09 5.66
CA THR A 185 -8.33 -6.17 6.27
C THR A 185 -6.95 -6.04 5.64
N HIS A 186 -6.92 -5.51 4.42
CA HIS A 186 -5.69 -5.34 3.66
C HIS A 186 -5.58 -3.94 3.04
N LEU A 187 -4.42 -3.32 3.21
CA LEU A 187 -4.15 -2.00 2.65
C LEU A 187 -2.84 -2.13 1.87
N LEU A 188 -2.91 -1.94 0.55
CA LEU A 188 -1.73 -2.05 -0.31
C LEU A 188 -1.20 -0.68 -0.75
N TYR A 189 0.12 -0.57 -0.85
CA TYR A 189 0.78 0.69 -1.19
C TYR A 189 1.11 0.93 -2.65
N GLY A 190 0.60 2.07 -3.14
CA GLY A 190 0.75 2.55 -4.51
C GLY A 190 2.03 2.50 -5.29
N PHE A 191 2.55 1.30 -5.48
CA PHE A 191 3.73 1.02 -6.28
C PHE A 191 5.14 1.37 -5.91
N ILE A 192 5.86 0.31 -5.59
CA ILE A 192 7.26 0.37 -5.29
C ILE A 192 7.81 0.10 -6.69
N PRO A 193 8.76 0.92 -7.14
CA PRO A 193 9.31 0.68 -8.48
C PRO A 193 10.51 -0.26 -8.44
N ILE A 194 11.00 -0.60 -9.61
CA ILE A 194 12.19 -1.44 -9.75
C ILE A 194 13.20 -0.58 -10.52
N CYS A 195 14.38 -0.40 -9.96
CA CYS A 195 15.42 0.41 -10.58
C CYS A 195 15.77 -0.05 -11.99
N GLY A 196 16.10 0.93 -12.84
CA GLY A 196 16.45 0.65 -14.21
C GLY A 196 16.18 1.85 -15.10
N GLY A 197 17.11 2.15 -15.99
CA GLY A 197 16.95 3.29 -16.88
C GLY A 197 16.48 2.91 -18.28
N ASN A 198 17.17 3.42 -19.29
CA ASN A 198 16.79 3.14 -20.67
C ASN A 198 16.70 1.64 -20.94
N GLY A 199 15.63 1.25 -21.62
CA GLY A 199 15.44 -0.15 -21.94
C GLY A 199 14.88 -1.01 -20.82
N ILE A 200 14.79 -0.47 -19.61
CA ILE A 200 14.27 -1.22 -18.46
C ILE A 200 12.97 -0.64 -17.91
N ASN A 201 12.85 0.69 -17.92
CA ASN A 201 11.64 1.36 -17.45
C ASN A 201 11.15 2.39 -18.48
N ASP A 202 11.23 2.07 -19.76
CA ASP A 202 10.80 3.00 -20.79
C ASP A 202 9.33 3.42 -20.68
N SER A 203 8.47 2.50 -20.26
CA SER A 203 7.04 2.80 -20.11
C SER A 203 6.79 4.02 -19.22
N LEU A 204 7.73 4.32 -18.32
CA LEU A 204 7.59 5.46 -17.42
C LEU A 204 7.75 6.80 -18.13
N LYS A 205 8.50 6.81 -19.22
CA LYS A 205 8.75 8.02 -19.97
C LYS A 205 7.49 8.71 -20.49
N GLU A 206 6.36 8.00 -20.43
CA GLU A 206 5.11 8.59 -20.90
C GLU A 206 4.54 9.54 -19.85
N ILE A 207 5.06 9.46 -18.63
CA ILE A 207 4.60 10.33 -17.55
C ILE A 207 5.64 11.43 -17.31
N GLU A 208 5.21 12.68 -17.44
CA GLU A 208 6.07 13.82 -17.26
C GLU A 208 6.98 13.76 -16.03
N GLY A 209 8.28 13.75 -16.27
CA GLY A 209 9.26 13.73 -15.20
C GLY A 209 9.32 12.49 -14.32
N SER A 210 8.47 11.51 -14.60
CA SER A 210 8.42 10.29 -13.78
C SER A 210 9.67 9.41 -13.94
N PHE A 211 10.09 9.17 -15.16
CA PHE A 211 11.28 8.36 -15.43
C PHE A 211 12.50 8.99 -14.76
N GLN A 212 12.59 10.32 -14.84
CA GLN A 212 13.72 11.04 -14.25
C GLN A 212 13.68 10.93 -12.73
N ALA A 213 12.48 10.97 -12.16
CA ALA A 213 12.34 10.87 -10.71
C ALA A 213 12.87 9.51 -10.24
N LEU A 214 12.60 8.45 -11.01
CA LEU A 214 13.08 7.13 -10.63
C LEU A 214 14.61 7.07 -10.74
N GLN A 215 15.17 7.68 -11.78
CA GLN A 215 16.62 7.67 -11.94
C GLN A 215 17.28 8.36 -10.75
N ARG A 216 16.60 9.39 -10.24
CA ARG A 216 17.09 10.13 -9.08
C ARG A 216 17.09 9.23 -7.85
N SER A 217 15.97 8.54 -7.63
CA SER A 217 15.86 7.62 -6.49
C SER A 217 16.87 6.50 -6.61
N CYS A 218 17.09 6.03 -7.82
CA CYS A 218 18.01 4.92 -8.08
C CYS A 218 19.46 5.30 -8.36
N GLN A 219 19.84 6.54 -8.03
CA GLN A 219 21.21 7.00 -8.26
C GLN A 219 22.21 6.11 -7.53
N GLY A 220 23.10 5.48 -8.28
CA GLY A 220 24.10 4.60 -7.69
C GLY A 220 23.56 3.26 -7.19
N ARG A 221 22.35 2.90 -7.60
CA ARG A 221 21.74 1.64 -7.16
C ARG A 221 21.68 0.70 -8.35
N GLU A 222 21.92 -0.58 -8.12
CA GLU A 222 21.89 -1.55 -9.21
C GLU A 222 20.50 -1.71 -9.81
N ASP A 223 20.46 -1.92 -11.12
CA ASP A 223 19.20 -2.15 -11.83
C ASP A 223 18.58 -3.43 -11.31
N PHE A 224 17.24 -3.49 -11.33
CA PHE A 224 16.48 -4.63 -10.89
C PHE A 224 16.34 -4.83 -9.37
N LYS A 225 16.83 -3.85 -8.61
CA LYS A 225 16.64 -3.87 -7.16
C LYS A 225 15.47 -2.91 -6.97
N ILE A 226 14.64 -3.11 -5.95
CA ILE A 226 13.54 -2.17 -5.76
C ILE A 226 14.00 -0.89 -5.07
N SER A 227 13.14 0.13 -5.11
CA SER A 227 13.44 1.41 -4.51
C SER A 227 12.11 2.09 -4.14
N ILE A 228 12.18 3.38 -3.81
CA ILE A 228 10.98 4.17 -3.49
C ILE A 228 10.95 5.23 -4.60
N HIS A 229 9.84 5.31 -5.33
CA HIS A 229 9.75 6.25 -6.42
C HIS A 229 9.86 7.72 -5.99
N ASP A 230 9.16 8.07 -4.92
CA ASP A 230 9.17 9.44 -4.41
C ASP A 230 9.52 9.45 -2.91
N PRO A 231 10.82 9.51 -2.57
CA PRO A 231 11.31 9.53 -1.20
C PRO A 231 10.69 10.65 -0.36
N PHE A 232 10.41 11.78 -1.00
CA PHE A 232 9.83 12.90 -0.27
C PHE A 232 8.44 12.54 0.23
N ALA A 233 7.57 12.13 -0.70
CA ALA A 233 6.21 11.77 -0.31
C ALA A 233 6.19 10.57 0.63
N ALA A 234 7.12 9.65 0.45
CA ALA A 234 7.14 8.44 1.28
C ALA A 234 7.68 8.61 2.68
N LEU A 235 8.68 9.46 2.85
CA LEU A 235 9.30 9.60 4.15
C LEU A 235 9.63 10.99 4.69
N GLN A 236 9.57 12.01 3.84
CA GLN A 236 9.95 13.34 4.30
C GLN A 236 8.88 14.42 4.42
N LYS A 237 7.79 14.29 3.68
CA LYS A 237 6.72 15.28 3.73
C LYS A 237 5.98 15.23 5.06
N ALA A 238 5.83 16.39 5.70
CA ALA A 238 5.13 16.46 6.98
C ALA A 238 3.68 16.04 6.80
N GLN A 239 3.20 15.17 7.69
CA GLN A 239 1.82 14.71 7.63
C GLN A 239 1.33 14.56 9.07
N LYS A 240 0.01 14.56 9.25
CA LYS A 240 -0.60 14.44 10.58
C LYS A 240 0.01 13.28 11.38
N GLY A 241 0.50 13.58 12.57
CA GLY A 241 1.10 12.55 13.41
C GLY A 241 2.62 12.52 13.34
N VAL A 242 3.17 12.99 12.21
CA VAL A 242 4.61 13.03 12.00
C VAL A 242 4.93 14.38 11.34
N THR A 243 4.73 15.45 12.10
CA THR A 243 4.95 16.81 11.62
C THR A 243 6.17 17.55 12.18
N ALA A 244 6.74 17.06 13.27
CA ALA A 244 7.89 17.71 13.87
C ALA A 244 9.06 17.77 12.90
N TRP A 245 9.76 18.90 12.88
CA TRP A 245 10.88 19.07 11.97
C TRP A 245 11.94 17.99 12.13
N ASP A 246 12.05 17.42 13.33
CA ASP A 246 13.06 16.40 13.57
C ASP A 246 12.54 14.97 13.76
N ASP A 247 11.30 14.71 13.37
CA ASP A 247 10.77 13.34 13.47
C ASP A 247 11.55 12.53 12.42
N PRO A 248 11.99 11.33 12.80
CA PRO A 248 12.75 10.48 11.88
C PRO A 248 12.02 9.95 10.64
N TYR A 249 10.76 9.55 10.81
CA TYR A 249 9.98 9.03 9.68
C TYR A 249 8.71 9.84 9.49
N LYS A 250 8.59 10.49 8.34
CA LYS A 250 7.41 11.29 8.06
C LYS A 250 6.74 10.71 6.80
N GLY A 251 6.04 11.55 6.05
CA GLY A 251 5.40 11.10 4.83
C GLY A 251 4.47 9.92 5.01
N ASN A 252 4.21 9.20 3.91
CA ASN A 252 3.31 8.05 3.94
C ASN A 252 3.77 6.93 4.86
N PHE A 253 5.07 6.62 4.83
CA PHE A 253 5.63 5.56 5.66
C PHE A 253 5.47 5.86 7.14
N GLY A 254 5.75 7.09 7.53
CA GLY A 254 5.60 7.48 8.93
C GLY A 254 4.16 7.28 9.38
N GLN A 255 3.21 7.71 8.55
CA GLN A 255 1.80 7.55 8.91
C GLN A 255 1.37 6.09 8.90
N LEU A 256 1.88 5.30 7.94
CA LEU A 256 1.52 3.89 7.88
C LEU A 256 2.03 3.17 9.13
N MET A 257 3.16 3.62 9.68
CA MET A 257 3.70 3.03 10.89
C MET A 257 2.73 3.30 12.04
N ALA A 258 2.25 4.54 12.11
CA ALA A 258 1.31 4.92 13.16
C ALA A 258 -0.01 4.20 12.95
N LEU A 259 -0.36 3.95 11.68
CA LEU A 259 -1.60 3.26 11.39
C LEU A 259 -1.52 1.83 11.93
N LYS A 260 -0.39 1.17 11.73
CA LYS A 260 -0.21 -0.19 12.22
C LYS A 260 -0.34 -0.25 13.73
N GLN A 261 0.06 0.83 14.40
CA GLN A 261 -0.04 0.89 15.86
C GLN A 261 -1.51 0.93 16.26
N ALA A 262 -2.31 1.60 15.43
CA ALA A 262 -3.74 1.73 15.68
C ALA A 262 -4.49 0.46 15.26
N HIS A 263 -3.97 -0.22 14.23
CA HIS A 263 -4.60 -1.44 13.70
C HIS A 263 -3.56 -2.54 13.52
N PRO A 264 -3.18 -3.20 14.62
CA PRO A 264 -2.19 -4.28 14.61
C PRO A 264 -2.48 -5.38 13.60
N ASP A 265 -3.76 -5.69 13.41
CA ASP A 265 -4.14 -6.76 12.50
C ASP A 265 -4.31 -6.39 11.04
N LEU A 266 -4.21 -5.10 10.71
CA LEU A 266 -4.36 -4.68 9.32
C LEU A 266 -3.12 -5.13 8.57
N LYS A 267 -3.30 -5.75 7.41
CA LYS A 267 -2.16 -6.18 6.60
C LYS A 267 -1.78 -5.04 5.67
N ILE A 268 -0.59 -4.49 5.82
CA ILE A 268 -0.15 -3.41 4.96
C ILE A 268 0.91 -3.98 4.02
N LEU A 269 0.60 -3.97 2.73
CA LEU A 269 1.49 -4.54 1.74
C LEU A 269 1.99 -3.61 0.65
N PRO A 270 3.30 -3.67 0.35
CA PRO A 270 3.87 -2.82 -0.69
C PRO A 270 3.57 -3.52 -2.02
N SER A 271 3.09 -2.77 -3.00
CA SER A 271 2.77 -3.35 -4.30
C SER A 271 3.84 -2.95 -5.31
N ILE A 272 4.48 -3.95 -5.90
CA ILE A 272 5.54 -3.72 -6.86
C ILE A 272 5.02 -3.84 -8.29
N GLY A 273 5.18 -2.78 -9.07
CA GLY A 273 4.74 -2.81 -10.46
C GLY A 273 3.69 -1.79 -10.86
N GLY A 274 2.62 -2.30 -11.46
CA GLY A 274 1.57 -1.41 -11.93
C GLY A 274 1.77 -1.22 -13.42
N TRP A 275 0.82 -0.56 -14.06
CA TRP A 275 0.85 -0.33 -15.50
C TRP A 275 2.15 0.26 -16.05
N THR A 276 2.69 1.27 -15.36
CA THR A 276 3.89 1.95 -15.82
C THR A 276 5.23 1.46 -15.26
N LEU A 277 5.21 0.56 -14.29
CA LEU A 277 6.44 0.08 -13.68
C LEU A 277 6.63 -1.44 -13.79
N SER A 278 6.01 -2.04 -14.80
CA SER A 278 6.09 -3.48 -15.00
C SER A 278 7.19 -3.94 -15.96
N ASP A 279 7.75 -3.03 -16.75
CA ASP A 279 8.79 -3.39 -17.72
C ASP A 279 9.93 -4.26 -17.18
N PRO A 280 10.45 -3.96 -15.98
CA PRO A 280 11.55 -4.77 -15.43
C PRO A 280 11.24 -6.25 -15.25
N PHE A 281 9.97 -6.58 -14.99
CA PHE A 281 9.58 -7.97 -14.80
C PHE A 281 9.88 -8.87 -16.00
N PHE A 282 9.80 -8.31 -17.21
CA PHE A 282 10.05 -9.09 -18.43
C PHE A 282 11.48 -9.55 -18.63
N PHE A 283 12.39 -9.11 -17.76
CA PHE A 283 13.80 -9.49 -17.86
C PHE A 283 14.16 -10.51 -16.80
N MET A 284 13.19 -10.84 -15.93
CA MET A 284 13.47 -11.75 -14.85
C MET A 284 13.54 -13.23 -15.20
N GLY A 285 13.49 -13.54 -16.49
CA GLY A 285 13.65 -14.92 -16.90
C GLY A 285 15.11 -15.21 -16.56
N ASP A 286 15.90 -14.14 -16.44
CA ASP A 286 17.31 -14.24 -16.08
C ASP A 286 17.38 -14.34 -14.55
N LYS A 287 17.66 -15.53 -14.05
CA LYS A 287 17.73 -15.77 -12.62
C LYS A 287 18.67 -14.84 -11.85
N VAL A 288 19.73 -14.38 -12.50
CA VAL A 288 20.65 -13.46 -11.83
C VAL A 288 19.89 -12.18 -11.43
N LYS A 289 19.06 -11.67 -12.34
CA LYS A 289 18.29 -10.45 -12.06
C LYS A 289 17.17 -10.78 -11.08
N ARG A 290 16.52 -11.93 -11.28
CA ARG A 290 15.42 -12.33 -10.41
C ARG A 290 15.91 -12.49 -8.97
N ASP A 291 17.11 -13.05 -8.79
CA ASP A 291 17.66 -13.23 -7.46
C ASP A 291 17.94 -11.88 -6.81
N ARG A 292 18.50 -10.96 -7.57
CA ARG A 292 18.80 -9.62 -7.07
C ARG A 292 17.50 -8.93 -6.64
N PHE A 293 16.47 -9.02 -7.48
CA PHE A 293 15.18 -8.43 -7.17
C PHE A 293 14.65 -9.00 -5.85
N VAL A 294 14.60 -10.34 -5.77
CA VAL A 294 14.12 -11.01 -4.56
C VAL A 294 14.94 -10.58 -3.35
N GLY A 295 16.27 -10.54 -3.51
CA GLY A 295 17.13 -10.13 -2.42
C GLY A 295 16.83 -8.70 -1.96
N SER A 296 16.53 -7.79 -2.89
CA SER A 296 16.25 -6.42 -2.47
C SER A 296 14.89 -6.33 -1.78
N VAL A 297 13.97 -7.22 -2.15
CA VAL A 297 12.66 -7.21 -1.50
C VAL A 297 12.83 -7.62 -0.04
N LYS A 298 13.67 -8.62 0.23
CA LYS A 298 13.90 -9.07 1.59
C LYS A 298 14.52 -7.94 2.40
N GLU A 299 15.54 -7.31 1.85
CA GLU A 299 16.20 -6.21 2.54
C GLU A 299 15.20 -5.10 2.80
N PHE A 300 14.37 -4.80 1.81
CA PHE A 300 13.34 -3.78 1.94
C PHE A 300 12.42 -4.09 3.13
N LEU A 301 11.96 -5.34 3.21
CA LEU A 301 11.09 -5.74 4.30
C LEU A 301 11.78 -5.74 5.65
N GLN A 302 13.08 -6.03 5.66
CA GLN A 302 13.83 -6.03 6.92
C GLN A 302 13.99 -4.59 7.39
N THR A 303 14.05 -3.67 6.43
CA THR A 303 14.23 -2.26 6.71
C THR A 303 12.95 -1.58 7.14
N TRP A 304 11.87 -1.84 6.43
CA TRP A 304 10.58 -1.24 6.76
C TRP A 304 9.67 -2.30 7.39
N LYS A 305 9.79 -2.40 8.70
CA LYS A 305 9.05 -3.40 9.48
C LYS A 305 7.54 -3.33 9.50
N PHE A 306 6.96 -2.16 9.20
CA PHE A 306 5.49 -2.07 9.22
C PHE A 306 4.80 -2.84 8.08
N PHE A 307 5.55 -3.19 7.02
CA PHE A 307 4.97 -3.94 5.90
C PHE A 307 4.84 -5.42 6.25
N ASP A 308 3.76 -6.05 5.79
CA ASP A 308 3.49 -7.45 6.12
C ASP A 308 3.74 -8.49 5.02
N GLY A 309 4.51 -8.12 4.01
CA GLY A 309 4.78 -9.05 2.93
C GLY A 309 4.99 -8.28 1.64
N VAL A 310 4.46 -8.80 0.53
CA VAL A 310 4.64 -8.13 -0.74
C VAL A 310 3.59 -8.51 -1.77
N ASP A 311 3.20 -7.52 -2.56
CA ASP A 311 2.21 -7.71 -3.61
C ASP A 311 2.90 -7.52 -4.95
N ILE A 312 2.68 -8.46 -5.87
CA ILE A 312 3.31 -8.37 -7.19
C ILE A 312 2.27 -7.99 -8.23
N ASP A 313 2.51 -6.86 -8.90
CA ASP A 313 1.60 -6.37 -9.93
C ASP A 313 2.32 -6.25 -11.27
N TRP A 314 2.64 -7.41 -11.84
CA TRP A 314 3.33 -7.51 -13.13
C TRP A 314 2.26 -7.32 -14.20
N GLU A 315 2.27 -6.17 -14.85
CA GLU A 315 1.21 -5.98 -15.80
C GLU A 315 1.47 -6.63 -17.11
N PHE A 316 1.08 -7.89 -16.98
CA PHE A 316 1.00 -9.00 -17.87
C PHE A 316 2.13 -9.83 -18.46
N PRO A 317 2.29 -11.02 -17.89
CA PRO A 317 3.30 -11.99 -18.33
C PRO A 317 2.73 -12.28 -19.73
N GLY A 318 3.57 -12.18 -20.75
CA GLY A 318 3.09 -12.42 -22.10
C GLY A 318 3.02 -11.11 -22.87
N GLY A 319 3.08 -9.99 -22.14
CA GLY A 319 3.02 -8.69 -22.77
C GLY A 319 1.63 -8.09 -22.81
N LYS A 320 1.40 -7.20 -23.78
CA LYS A 320 0.12 -6.52 -23.92
C LYS A 320 -0.09 -5.51 -22.82
N GLY A 321 0.99 -5.13 -22.15
CA GLY A 321 0.90 -4.15 -21.09
C GLY A 321 1.21 -2.80 -21.70
N ALA A 322 1.85 -1.92 -20.95
CA ALA A 322 2.19 -0.60 -21.46
C ALA A 322 3.24 -0.65 -22.57
N ASN A 323 4.19 -1.57 -22.47
CA ASN A 323 5.27 -1.68 -23.45
C ASN A 323 4.94 -2.66 -24.58
N PRO A 324 4.78 -2.16 -25.81
CA PRO A 324 4.46 -3.02 -26.95
C PRO A 324 5.63 -3.91 -27.40
N ASN A 325 6.83 -3.63 -26.91
CA ASN A 325 7.99 -4.42 -27.32
C ASN A 325 8.44 -5.47 -26.32
N LEU A 326 7.62 -5.72 -25.30
CA LEU A 326 7.96 -6.72 -24.29
C LEU A 326 6.89 -7.79 -24.21
N GLY A 327 7.28 -8.96 -23.72
CA GLY A 327 6.35 -10.07 -23.58
C GLY A 327 6.88 -11.29 -24.32
N SER A 328 6.88 -12.44 -23.65
CA SER A 328 7.35 -13.67 -24.28
C SER A 328 6.60 -14.86 -23.70
N PRO A 329 6.51 -15.96 -24.47
CA PRO A 329 5.81 -17.18 -24.04
C PRO A 329 6.44 -17.78 -22.79
N GLN A 330 7.63 -17.29 -22.45
CA GLN A 330 8.35 -17.77 -21.27
C GLN A 330 7.93 -17.07 -19.97
N ASP A 331 7.29 -15.91 -20.07
CA ASP A 331 6.84 -15.14 -18.90
C ASP A 331 6.04 -15.92 -17.88
N GLY A 332 5.16 -16.81 -18.35
CA GLY A 332 4.33 -17.59 -17.46
C GLY A 332 5.14 -18.39 -16.46
N GLU A 333 6.20 -19.02 -16.95
CA GLU A 333 7.09 -19.82 -16.11
C GLU A 333 7.88 -18.91 -15.17
N THR A 334 8.33 -17.76 -15.70
CA THR A 334 9.08 -16.81 -14.89
C THR A 334 8.22 -16.39 -13.69
N TYR A 335 6.96 -16.10 -13.96
CA TYR A 335 6.02 -15.67 -12.92
C TYR A 335 5.89 -16.70 -11.80
N VAL A 336 5.70 -17.96 -12.17
CA VAL A 336 5.57 -19.01 -11.17
C VAL A 336 6.87 -19.17 -10.39
N LEU A 337 8.00 -19.11 -11.08
CA LEU A 337 9.29 -19.22 -10.43
C LEU A 337 9.48 -18.05 -9.45
N LEU A 338 9.11 -16.85 -9.89
CA LEU A 338 9.24 -15.67 -9.04
C LEU A 338 8.43 -15.84 -7.76
N MET A 339 7.16 -16.19 -7.89
CA MET A 339 6.31 -16.38 -6.72
C MET A 339 6.89 -17.43 -5.76
N LYS A 340 7.43 -18.51 -6.31
CA LYS A 340 8.01 -19.58 -5.48
C LYS A 340 9.21 -19.06 -4.71
N GLU A 341 10.08 -18.34 -5.41
CA GLU A 341 11.27 -17.79 -4.80
C GLU A 341 10.94 -16.71 -3.77
N LEU A 342 9.96 -15.88 -4.06
CA LEU A 342 9.57 -14.84 -3.11
C LEU A 342 9.05 -15.53 -1.84
N ARG A 343 8.27 -16.59 -2.03
CA ARG A 343 7.73 -17.35 -0.90
C ARG A 343 8.87 -17.95 -0.08
N ALA A 344 9.87 -18.49 -0.77
CA ALA A 344 11.00 -19.09 -0.08
C ALA A 344 11.73 -18.01 0.70
N MET A 345 11.87 -16.83 0.08
CA MET A 345 12.53 -15.71 0.73
C MET A 345 11.74 -15.28 1.97
N LEU A 346 10.42 -15.25 1.88
CA LEU A 346 9.59 -14.85 3.00
C LEU A 346 9.60 -15.88 4.13
N ASP A 347 9.70 -17.17 3.79
CA ASP A 347 9.76 -18.20 4.81
C ASP A 347 11.07 -18.03 5.54
N GLN A 348 12.11 -17.70 4.80
CA GLN A 348 13.43 -17.47 5.37
C GLN A 348 13.32 -16.30 6.34
N LEU A 349 12.61 -15.26 5.92
CA LEU A 349 12.43 -14.08 6.76
C LEU A 349 11.65 -14.44 8.02
N SER A 350 10.62 -15.28 7.89
CA SER A 350 9.84 -15.69 9.06
C SER A 350 10.73 -16.37 10.10
N ALA A 351 11.65 -17.20 9.61
CA ALA A 351 12.55 -17.91 10.51
C ALA A 351 13.46 -16.97 11.29
N GLU A 352 13.69 -15.78 10.74
CA GLU A 352 14.56 -14.80 11.39
C GLU A 352 13.81 -13.88 12.34
N THR A 353 12.59 -13.51 11.97
CA THR A 353 11.80 -12.59 12.78
C THR A 353 10.64 -13.23 13.54
N GLY A 354 10.25 -14.43 13.13
CA GLY A 354 9.14 -15.10 13.80
C GLY A 354 7.79 -14.52 13.41
N ARG A 355 7.78 -13.64 12.41
CA ARG A 355 6.54 -13.02 11.96
C ARG A 355 5.98 -13.78 10.77
N LYS A 356 4.70 -13.53 10.47
CA LYS A 356 4.05 -14.17 9.33
C LYS A 356 3.94 -13.13 8.23
N TYR A 357 4.28 -13.53 7.01
CA TYR A 357 4.24 -12.63 5.86
C TYR A 357 3.33 -13.16 4.77
N GLU A 358 2.69 -12.25 4.06
CA GLU A 358 1.80 -12.62 2.98
C GLU A 358 2.40 -12.30 1.62
N LEU A 359 2.05 -13.10 0.63
CA LEU A 359 2.50 -12.92 -0.74
C LEU A 359 1.25 -12.87 -1.61
N THR A 360 1.04 -11.75 -2.29
CA THR A 360 -0.14 -11.62 -3.13
C THR A 360 0.23 -11.08 -4.49
N SER A 361 -0.71 -11.13 -5.42
CA SER A 361 -0.49 -10.61 -6.76
C SER A 361 -1.79 -10.11 -7.37
N ALA A 362 -1.70 -9.00 -8.09
CA ALA A 362 -2.84 -8.41 -8.77
C ALA A 362 -2.67 -8.91 -10.20
N ILE A 363 -3.72 -9.51 -10.76
CA ILE A 363 -3.64 -10.06 -12.11
C ILE A 363 -4.75 -9.61 -13.03
N SER A 364 -4.51 -9.75 -14.33
CA SER A 364 -5.51 -9.40 -15.33
C SER A 364 -6.67 -10.36 -15.12
N ALA A 365 -7.88 -9.89 -15.42
CA ALA A 365 -9.08 -10.71 -15.27
C ALA A 365 -9.53 -11.28 -16.62
N GLY A 366 -8.78 -10.95 -17.68
CA GLY A 366 -9.12 -11.46 -18.99
C GLY A 366 -8.63 -12.89 -19.15
N LYS A 367 -9.48 -13.76 -19.68
CA LYS A 367 -9.12 -15.16 -19.86
C LYS A 367 -7.88 -15.29 -20.75
N ASP A 368 -7.80 -14.46 -21.78
CA ASP A 368 -6.67 -14.50 -22.69
C ASP A 368 -5.32 -14.37 -21.97
N LYS A 369 -5.27 -13.52 -20.94
CA LYS A 369 -4.03 -13.35 -20.19
C LYS A 369 -3.91 -14.36 -19.04
N ILE A 370 -5.04 -14.69 -18.43
CA ILE A 370 -5.05 -15.65 -17.33
C ILE A 370 -4.48 -17.00 -17.72
N ASP A 371 -4.76 -17.45 -18.94
CA ASP A 371 -4.26 -18.75 -19.38
C ASP A 371 -2.79 -18.77 -19.77
N LYS A 372 -2.09 -17.65 -19.61
CA LYS A 372 -0.67 -17.60 -19.92
C LYS A 372 0.12 -17.95 -18.68
N VAL A 373 -0.60 -18.18 -17.58
CA VAL A 373 0.02 -18.51 -16.31
C VAL A 373 -0.63 -19.71 -15.65
N ALA A 374 0.18 -20.52 -14.96
CA ALA A 374 -0.34 -21.69 -14.27
C ALA A 374 -0.62 -21.28 -12.82
N TYR A 375 -1.71 -20.53 -12.62
CA TYR A 375 -2.08 -20.08 -11.30
C TYR A 375 -2.40 -21.25 -10.38
N ASN A 376 -2.87 -22.36 -10.95
CA ASN A 376 -3.18 -23.52 -10.15
C ASN A 376 -1.90 -23.98 -9.43
N VAL A 377 -0.74 -23.61 -9.98
CA VAL A 377 0.53 -23.96 -9.36
C VAL A 377 1.02 -22.79 -8.50
N ALA A 378 1.11 -21.61 -9.10
CA ALA A 378 1.56 -20.42 -8.38
C ALA A 378 0.77 -20.17 -7.09
N GLN A 379 -0.50 -20.56 -7.11
CA GLN A 379 -1.38 -20.36 -5.95
C GLN A 379 -0.83 -20.98 -4.67
N ASN A 380 -0.02 -22.02 -4.79
CA ASN A 380 0.54 -22.67 -3.62
C ASN A 380 1.59 -21.83 -2.89
N SER A 381 2.03 -20.77 -3.54
CA SER A 381 3.03 -19.87 -2.94
C SER A 381 2.37 -18.57 -2.50
N MET A 382 1.10 -18.40 -2.87
CA MET A 382 0.37 -17.16 -2.59
C MET A 382 -0.76 -17.22 -1.57
N ASP A 383 -0.96 -16.10 -0.86
CA ASP A 383 -2.01 -16.00 0.14
C ASP A 383 -3.30 -15.52 -0.52
N HIS A 384 -3.17 -14.61 -1.48
CA HIS A 384 -4.34 -14.08 -2.16
C HIS A 384 -4.03 -13.66 -3.59
N ILE A 385 -5.04 -13.75 -4.43
CA ILE A 385 -4.92 -13.35 -5.82
C ILE A 385 -5.95 -12.23 -6.00
N PHE A 386 -5.47 -11.03 -6.28
CA PHE A 386 -6.37 -9.89 -6.46
C PHE A 386 -6.72 -9.80 -7.94
N LEU A 387 -7.91 -10.28 -8.28
CA LEU A 387 -8.39 -10.29 -9.66
C LEU A 387 -8.84 -8.90 -10.10
N MET A 388 -8.13 -8.32 -11.08
CA MET A 388 -8.48 -6.99 -11.55
C MET A 388 -9.67 -7.02 -12.50
N SER A 389 -10.85 -7.27 -11.92
CA SER A 389 -12.08 -7.34 -12.68
C SER A 389 -12.66 -5.98 -13.02
N TYR A 390 -11.88 -5.19 -13.75
CA TYR A 390 -12.27 -3.88 -14.20
C TYR A 390 -11.43 -3.50 -15.41
N ASP A 391 -11.66 -2.32 -15.98
CA ASP A 391 -10.95 -1.88 -17.18
C ASP A 391 -11.31 -2.78 -18.36
N PHE A 392 -12.46 -3.45 -18.26
CA PHE A 392 -12.89 -4.34 -19.35
C PHE A 392 -13.05 -3.54 -20.64
N TYR A 393 -13.50 -2.30 -20.50
CA TYR A 393 -13.69 -1.40 -21.64
C TYR A 393 -13.23 -0.02 -21.21
N GLY A 394 -13.00 0.88 -22.15
CA GLY A 394 -12.56 2.21 -21.78
C GLY A 394 -12.20 3.07 -22.98
N ALA A 395 -11.73 4.29 -22.71
CA ALA A 395 -11.35 5.22 -23.76
C ALA A 395 -10.20 4.72 -24.63
N PHE A 396 -9.50 3.67 -24.19
CA PHE A 396 -8.40 3.12 -24.99
C PHE A 396 -8.95 2.41 -26.22
N ASP A 397 -10.26 2.31 -26.30
CA ASP A 397 -10.94 1.67 -27.43
C ASP A 397 -12.24 2.45 -27.67
N LEU A 398 -12.27 3.21 -28.76
CA LEU A 398 -13.44 4.02 -29.10
C LEU A 398 -14.47 3.35 -29.99
N LYS A 399 -14.17 2.13 -30.45
CA LYS A 399 -15.09 1.42 -31.34
C LYS A 399 -15.94 0.38 -30.63
N ASN A 400 -15.32 -0.39 -29.74
CA ASN A 400 -16.02 -1.43 -29.01
C ASN A 400 -16.23 -1.00 -27.56
N LEU A 401 -17.43 -0.49 -27.27
CA LEU A 401 -17.76 -0.02 -25.93
C LEU A 401 -18.44 -1.10 -25.10
N GLY A 402 -18.45 -0.93 -23.78
CA GLY A 402 -19.07 -1.90 -22.90
C GLY A 402 -18.92 -1.53 -21.43
N HIS A 403 -19.41 -2.38 -20.52
CA HIS A 403 -19.30 -2.13 -19.08
C HIS A 403 -17.86 -2.39 -18.63
N GLN A 404 -17.21 -1.38 -18.05
CA GLN A 404 -15.81 -1.54 -17.63
C GLN A 404 -15.56 -2.51 -16.49
N THR A 405 -16.55 -2.76 -15.64
CA THR A 405 -16.32 -3.65 -14.50
C THR A 405 -17.54 -4.50 -14.09
N ALA A 406 -18.37 -4.85 -15.08
CA ALA A 406 -19.56 -5.64 -14.83
C ALA A 406 -19.31 -7.04 -14.30
N LEU A 407 -20.31 -7.58 -13.61
CA LEU A 407 -20.21 -8.93 -13.06
C LEU A 407 -20.49 -9.95 -14.16
N ASN A 408 -21.54 -9.67 -14.95
CA ASN A 408 -21.95 -10.55 -16.04
C ASN A 408 -22.03 -9.81 -17.37
N ALA A 409 -22.27 -10.56 -18.44
CA ALA A 409 -22.39 -9.97 -19.76
C ALA A 409 -23.72 -9.24 -19.85
N PRO A 410 -23.81 -8.22 -20.72
CA PRO A 410 -25.08 -7.48 -20.84
C PRO A 410 -26.07 -8.26 -21.68
N ALA A 411 -27.32 -7.78 -21.72
CA ALA A 411 -28.37 -8.45 -22.48
C ALA A 411 -28.15 -8.31 -23.99
N TRP A 412 -27.69 -7.14 -24.41
CA TRP A 412 -27.46 -6.88 -25.82
C TRP A 412 -26.25 -7.61 -26.41
N LYS A 413 -25.48 -8.29 -25.56
CA LYS A 413 -24.31 -9.03 -26.02
C LYS A 413 -23.87 -10.07 -24.99
N PRO A 414 -24.66 -11.14 -24.85
CA PRO A 414 -24.39 -12.23 -23.90
C PRO A 414 -23.08 -12.97 -24.09
N ASP A 415 -22.44 -12.78 -25.23
CA ASP A 415 -21.17 -13.45 -25.51
C ASP A 415 -19.95 -12.65 -25.06
N THR A 416 -20.20 -11.49 -24.44
CA THR A 416 -19.12 -10.63 -23.95
C THR A 416 -18.02 -11.43 -23.25
N ALA A 417 -16.80 -11.30 -23.75
CA ALA A 417 -15.66 -12.03 -23.20
C ALA A 417 -15.20 -11.49 -21.85
N TYR A 418 -15.02 -10.17 -21.76
CA TYR A 418 -14.53 -9.57 -20.52
C TYR A 418 -15.57 -9.21 -19.47
N THR A 419 -15.75 -10.12 -18.51
CA THR A 419 -16.69 -9.93 -17.41
C THR A 419 -16.02 -10.51 -16.16
N THR A 420 -16.52 -10.14 -14.99
CA THR A 420 -15.97 -10.62 -13.73
C THR A 420 -16.11 -12.13 -13.58
N VAL A 421 -17.28 -12.66 -13.95
CA VAL A 421 -17.53 -14.09 -13.86
C VAL A 421 -16.58 -14.89 -14.76
N ASN A 422 -16.38 -14.42 -15.99
CA ASN A 422 -15.50 -15.14 -16.90
C ASN A 422 -14.08 -15.19 -16.32
N GLY A 423 -13.65 -14.10 -15.69
CA GLY A 423 -12.33 -14.08 -15.10
C GLY A 423 -12.23 -15.13 -14.01
N VAL A 424 -13.21 -15.14 -13.12
CA VAL A 424 -13.24 -16.10 -12.01
C VAL A 424 -13.32 -17.55 -12.51
N ASN A 425 -14.14 -17.78 -13.54
CA ASN A 425 -14.29 -19.13 -14.08
C ASN A 425 -12.99 -19.61 -14.70
N ALA A 426 -12.29 -18.71 -15.38
CA ALA A 426 -11.03 -19.07 -16.02
C ALA A 426 -10.04 -19.59 -14.98
N LEU A 427 -9.97 -18.93 -13.83
CA LEU A 427 -9.07 -19.34 -12.75
C LEU A 427 -9.52 -20.67 -12.14
N LEU A 428 -10.82 -20.77 -11.85
CA LEU A 428 -11.36 -21.99 -11.26
C LEU A 428 -11.08 -23.17 -12.18
N ALA A 429 -11.24 -22.95 -13.48
CA ALA A 429 -11.01 -24.00 -14.47
C ALA A 429 -9.58 -24.53 -14.46
N GLN A 430 -8.62 -23.66 -14.12
CA GLN A 430 -7.22 -24.07 -14.05
C GLN A 430 -7.00 -24.95 -12.84
N GLY A 431 -7.85 -24.78 -11.84
CA GLY A 431 -7.73 -25.55 -10.62
C GLY A 431 -7.45 -24.66 -9.42
N VAL A 432 -7.55 -23.34 -9.61
CA VAL A 432 -7.31 -22.41 -8.52
C VAL A 432 -8.41 -22.54 -7.46
N LYS A 433 -8.01 -22.66 -6.19
CA LYS A 433 -8.97 -22.78 -5.11
C LYS A 433 -9.73 -21.46 -4.97
N PRO A 434 -11.08 -21.51 -4.89
CA PRO A 434 -11.93 -20.33 -4.77
C PRO A 434 -11.61 -19.36 -3.64
N GLY A 435 -11.19 -19.87 -2.50
CA GLY A 435 -10.87 -19.00 -1.38
C GLY A 435 -9.68 -18.08 -1.61
N LYS A 436 -8.97 -18.28 -2.71
CA LYS A 436 -7.79 -17.49 -3.05
C LYS A 436 -8.17 -16.24 -3.83
N ILE A 437 -9.25 -16.35 -4.60
CA ILE A 437 -9.73 -15.28 -5.46
C ILE A 437 -10.46 -14.12 -4.78
N VAL A 438 -9.88 -12.94 -4.89
CA VAL A 438 -10.47 -11.72 -4.32
C VAL A 438 -10.93 -10.90 -5.52
N VAL A 439 -12.24 -10.70 -5.62
CA VAL A 439 -12.83 -9.96 -6.74
C VAL A 439 -12.60 -8.46 -6.61
N GLY A 440 -12.34 -7.82 -7.75
CA GLY A 440 -12.09 -6.39 -7.73
C GLY A 440 -13.27 -5.52 -8.04
N THR A 441 -13.31 -4.36 -7.39
CA THR A 441 -14.35 -3.37 -7.60
C THR A 441 -13.60 -2.08 -7.94
N ALA A 442 -14.19 -1.22 -8.76
CA ALA A 442 -13.53 0.01 -9.14
C ALA A 442 -14.12 1.24 -8.46
N MET A 443 -13.26 2.07 -7.90
CA MET A 443 -13.72 3.29 -7.24
C MET A 443 -13.60 4.43 -8.24
N TYR A 444 -13.62 4.07 -9.52
CA TYR A 444 -13.53 5.03 -10.61
C TYR A 444 -14.36 4.53 -11.77
N GLY A 445 -14.69 5.44 -12.67
CA GLY A 445 -15.44 5.05 -13.85
C GLY A 445 -14.60 5.40 -15.06
N ARG A 446 -14.81 4.70 -16.16
CA ARG A 446 -14.11 4.97 -17.41
C ARG A 446 -15.20 5.48 -18.35
N GLY A 447 -14.85 6.42 -19.23
CA GLY A 447 -15.86 6.96 -20.12
C GLY A 447 -15.41 7.50 -21.46
N TRP A 448 -16.39 7.69 -22.34
CA TRP A 448 -16.18 8.19 -23.69
C TRP A 448 -16.99 9.45 -23.93
N THR A 449 -16.69 10.12 -25.03
CA THR A 449 -17.42 11.33 -25.41
C THR A 449 -17.83 11.20 -26.86
N GLY A 450 -18.80 12.02 -27.28
CA GLY A 450 -19.26 11.97 -28.65
C GLY A 450 -19.81 10.61 -29.06
N VAL A 451 -20.23 9.80 -28.10
CA VAL A 451 -20.78 8.49 -28.43
C VAL A 451 -21.95 8.73 -29.38
N ASN A 452 -22.03 7.92 -30.44
CA ASN A 452 -23.07 8.06 -31.43
C ASN A 452 -23.26 6.78 -32.22
N GLY A 453 -24.25 6.77 -33.12
CA GLY A 453 -24.50 5.60 -33.94
C GLY A 453 -24.92 4.36 -33.17
N TYR A 454 -25.56 4.55 -32.02
CA TYR A 454 -26.02 3.43 -31.22
C TYR A 454 -27.49 3.19 -31.50
N GLN A 455 -27.93 1.95 -31.32
CA GLN A 455 -29.34 1.63 -31.56
C GLN A 455 -30.04 1.04 -30.33
N ASN A 456 -31.37 1.10 -30.35
CA ASN A 456 -32.19 0.58 -29.26
C ASN A 456 -31.90 1.29 -27.95
N ASN A 457 -31.52 2.56 -28.04
CA ASN A 457 -31.21 3.38 -26.88
C ASN A 457 -30.15 2.79 -25.94
N ILE A 458 -29.22 2.01 -26.50
CA ILE A 458 -28.15 1.41 -25.73
C ILE A 458 -26.87 2.09 -26.21
N PRO A 459 -26.41 3.14 -25.52
CA PRO A 459 -25.20 3.90 -25.89
C PRO A 459 -23.98 3.02 -26.17
N PHE A 460 -23.88 1.90 -25.46
CA PHE A 460 -22.76 0.98 -25.62
C PHE A 460 -22.66 0.33 -27.00
N THR A 461 -23.71 0.47 -27.80
CA THR A 461 -23.71 -0.12 -29.14
C THR A 461 -23.08 0.75 -30.21
N GLY A 462 -22.85 2.02 -29.89
CA GLY A 462 -22.24 2.92 -30.86
C GLY A 462 -20.73 3.00 -30.80
N THR A 463 -20.19 4.16 -31.17
CA THR A 463 -18.75 4.37 -31.14
C THR A 463 -18.50 5.76 -30.57
N ALA A 464 -17.30 5.98 -30.04
CA ALA A 464 -16.95 7.25 -29.45
C ALA A 464 -16.02 8.06 -30.34
N THR A 465 -15.90 9.35 -30.06
CA THR A 465 -15.02 10.21 -30.83
C THR A 465 -13.80 10.55 -29.98
N GLY A 466 -13.86 10.19 -28.70
CA GLY A 466 -12.76 10.46 -27.79
C GLY A 466 -13.08 10.09 -26.36
N PRO A 467 -12.13 10.29 -25.43
CA PRO A 467 -12.36 9.95 -24.03
C PRO A 467 -13.15 11.04 -23.32
N VAL A 468 -13.91 10.64 -22.31
CA VAL A 468 -14.69 11.61 -21.55
C VAL A 468 -13.67 12.43 -20.75
N LYS A 469 -14.03 13.65 -20.38
CA LYS A 469 -13.14 14.50 -19.59
C LYS A 469 -12.99 13.87 -18.20
N GLY A 470 -11.76 13.56 -17.83
CA GLY A 470 -11.52 12.92 -16.55
C GLY A 470 -11.21 13.82 -15.36
N THR A 471 -11.08 13.19 -14.20
CA THR A 471 -10.78 13.93 -12.98
C THR A 471 -9.31 14.30 -12.93
N TRP A 472 -8.44 13.35 -13.26
CA TRP A 472 -7.00 13.60 -13.24
C TRP A 472 -6.32 13.29 -14.57
N GLU A 473 -6.95 12.44 -15.37
CA GLU A 473 -6.44 12.08 -16.68
C GLU A 473 -7.66 11.76 -17.54
N ASN A 474 -7.47 11.76 -18.86
CA ASN A 474 -8.58 11.49 -19.78
C ASN A 474 -9.21 10.10 -19.71
N GLY A 475 -10.53 10.07 -19.84
CA GLY A 475 -11.27 8.82 -19.83
C GLY A 475 -11.42 8.16 -18.48
N ILE A 476 -11.04 8.85 -17.41
CA ILE A 476 -11.16 8.26 -16.07
C ILE A 476 -11.72 9.27 -15.07
N VAL A 477 -12.75 8.88 -14.33
CA VAL A 477 -13.35 9.77 -13.34
C VAL A 477 -13.51 9.13 -11.98
N ASP A 478 -13.11 9.86 -10.94
CA ASP A 478 -13.23 9.37 -9.57
C ASP A 478 -14.71 9.07 -9.31
N TYR A 479 -15.01 8.00 -8.60
CA TYR A 479 -16.40 7.70 -8.27
C TYR A 479 -16.98 8.88 -7.49
N ARG A 480 -16.16 9.50 -6.66
CA ARG A 480 -16.59 10.64 -5.86
C ARG A 480 -17.18 11.71 -6.77
N GLN A 481 -16.53 11.96 -7.89
CA GLN A 481 -17.00 12.98 -8.81
C GLN A 481 -18.28 12.56 -9.54
N ILE A 482 -18.38 11.26 -9.84
CA ILE A 482 -19.57 10.74 -10.52
C ILE A 482 -20.81 10.92 -9.65
N ALA A 483 -20.70 10.55 -8.39
CA ALA A 483 -21.82 10.66 -7.47
C ALA A 483 -22.16 12.13 -7.20
N SER A 484 -21.13 12.98 -7.22
CA SER A 484 -21.32 14.39 -6.96
C SER A 484 -21.84 15.23 -8.13
N GLN A 485 -21.33 14.98 -9.33
CA GLN A 485 -21.73 15.78 -10.47
C GLN A 485 -22.59 15.10 -11.53
N PHE A 486 -22.44 13.78 -11.69
CA PHE A 486 -23.19 13.11 -12.73
C PHE A 486 -24.43 12.33 -12.29
N MET A 487 -25.04 12.77 -11.19
CA MET A 487 -26.24 12.15 -10.66
C MET A 487 -27.39 13.13 -10.73
N SER A 488 -27.27 14.14 -11.58
CA SER A 488 -28.30 15.15 -11.73
C SER A 488 -28.22 15.80 -13.10
N GLY A 489 -29.04 16.84 -13.28
CA GLY A 489 -29.04 17.55 -14.55
C GLY A 489 -29.47 16.67 -15.71
N GLU A 490 -28.78 16.83 -16.84
CA GLU A 490 -29.07 16.09 -18.06
C GLU A 490 -28.61 14.64 -18.05
N TRP A 491 -27.85 14.24 -17.03
CA TRP A 491 -27.36 12.86 -16.98
C TRP A 491 -28.39 11.77 -16.78
N GLN A 492 -28.45 10.85 -17.72
CA GLN A 492 -29.36 9.71 -17.63
C GLN A 492 -28.65 8.70 -16.71
N TYR A 493 -29.42 8.02 -15.86
CA TYR A 493 -28.82 7.03 -14.97
C TYR A 493 -29.55 5.71 -15.20
N THR A 494 -28.77 4.64 -15.37
CA THR A 494 -29.35 3.33 -15.60
C THR A 494 -28.55 2.25 -14.90
N TYR A 495 -29.26 1.33 -14.24
CA TYR A 495 -28.58 0.22 -13.58
C TYR A 495 -28.96 -1.02 -14.36
N ASP A 496 -27.99 -1.60 -15.06
CA ASP A 496 -28.19 -2.81 -15.85
C ASP A 496 -28.23 -3.97 -14.86
N ALA A 497 -29.42 -4.53 -14.65
CA ALA A 497 -29.57 -5.64 -13.71
C ALA A 497 -29.07 -6.97 -14.26
N THR A 498 -28.87 -7.05 -15.57
CA THR A 498 -28.39 -8.29 -16.18
C THR A 498 -26.88 -8.40 -15.93
N ALA A 499 -26.15 -7.33 -16.26
CA ALA A 499 -24.72 -7.32 -16.08
C ALA A 499 -24.33 -6.90 -14.67
N GLU A 500 -25.27 -6.24 -13.98
CA GLU A 500 -25.04 -5.74 -12.62
C GLU A 500 -24.00 -4.62 -12.75
N ALA A 501 -24.37 -3.58 -13.48
CA ALA A 501 -23.48 -2.46 -13.74
C ALA A 501 -24.27 -1.18 -14.06
N PRO A 502 -23.89 -0.07 -13.41
CA PRO A 502 -24.56 1.21 -13.64
C PRO A 502 -23.82 2.08 -14.65
N TYR A 503 -24.52 3.02 -15.26
CA TYR A 503 -23.88 3.94 -16.18
C TYR A 503 -24.70 5.21 -16.34
N VAL A 504 -24.00 6.32 -16.53
CA VAL A 504 -24.66 7.60 -16.72
C VAL A 504 -24.38 8.04 -18.15
N PHE A 505 -25.37 8.70 -18.75
CA PHE A 505 -25.23 9.13 -20.13
C PHE A 505 -25.79 10.53 -20.33
N LYS A 506 -25.06 11.36 -21.05
CA LYS A 506 -25.47 12.73 -21.33
C LYS A 506 -25.68 12.81 -22.84
N PRO A 507 -26.90 12.52 -23.30
CA PRO A 507 -27.31 12.55 -24.71
C PRO A 507 -26.75 13.67 -25.58
N SER A 508 -26.88 14.90 -25.09
CA SER A 508 -26.41 16.06 -25.84
C SER A 508 -24.95 15.98 -26.30
N THR A 509 -24.05 15.69 -25.35
CA THR A 509 -22.62 15.60 -25.68
C THR A 509 -22.15 14.19 -26.00
N GLY A 510 -23.01 13.20 -25.77
CA GLY A 510 -22.62 11.82 -26.03
C GLY A 510 -21.66 11.27 -24.99
N ASP A 511 -21.58 11.94 -23.83
CA ASP A 511 -20.70 11.49 -22.76
C ASP A 511 -21.25 10.22 -22.08
N LEU A 512 -20.44 9.17 -22.06
CA LEU A 512 -20.83 7.90 -21.47
C LEU A 512 -19.81 7.45 -20.42
N ILE A 513 -20.30 7.08 -19.23
CA ILE A 513 -19.44 6.66 -18.14
C ILE A 513 -19.93 5.33 -17.54
N THR A 514 -19.00 4.38 -17.44
CA THR A 514 -19.28 3.06 -16.88
C THR A 514 -18.44 2.95 -15.60
N PHE A 515 -19.09 2.53 -14.52
CA PHE A 515 -18.43 2.43 -13.21
C PHE A 515 -19.10 1.43 -12.29
N ASP A 516 -18.69 1.42 -11.02
CA ASP A 516 -19.25 0.54 -10.00
C ASP A 516 -20.00 1.44 -9.01
N ASP A 517 -21.13 0.98 -8.49
CA ASP A 517 -21.83 1.76 -7.49
C ASP A 517 -22.20 0.85 -6.34
N ALA A 518 -22.89 1.38 -5.34
CA ALA A 518 -23.25 0.58 -4.18
C ALA A 518 -23.92 -0.74 -4.55
N ARG A 519 -24.84 -0.68 -5.51
CA ARG A 519 -25.57 -1.86 -5.94
C ARG A 519 -24.73 -2.89 -6.71
N SER A 520 -23.92 -2.44 -7.68
CA SER A 520 -23.11 -3.40 -8.42
C SER A 520 -22.11 -4.05 -7.48
N VAL A 521 -21.60 -3.28 -6.51
CA VAL A 521 -20.66 -3.82 -5.55
C VAL A 521 -21.35 -4.87 -4.68
N GLN A 522 -22.60 -4.61 -4.33
CA GLN A 522 -23.39 -5.55 -3.52
C GLN A 522 -23.54 -6.87 -4.28
N ALA A 523 -23.73 -6.79 -5.58
CA ALA A 523 -23.87 -7.98 -6.41
C ALA A 523 -22.56 -8.77 -6.37
N LYS A 524 -21.43 -8.06 -6.43
CA LYS A 524 -20.14 -8.73 -6.40
C LYS A 524 -19.93 -9.39 -5.05
N GLY A 525 -20.30 -8.69 -3.98
CA GLY A 525 -20.16 -9.24 -2.65
C GLY A 525 -20.97 -10.51 -2.47
N LYS A 526 -22.23 -10.47 -2.91
CA LYS A 526 -23.11 -11.62 -2.80
C LYS A 526 -22.50 -12.76 -3.63
N TYR A 527 -22.02 -12.40 -4.82
CA TYR A 527 -21.40 -13.37 -5.71
C TYR A 527 -20.23 -14.05 -4.98
N VAL A 528 -19.44 -13.24 -4.28
CA VAL A 528 -18.29 -13.77 -3.54
C VAL A 528 -18.72 -14.76 -2.47
N LEU A 529 -19.74 -14.39 -1.69
CA LEU A 529 -20.22 -15.27 -0.64
C LEU A 529 -20.77 -16.59 -1.23
N ASP A 530 -21.58 -16.48 -2.28
CA ASP A 530 -22.16 -17.66 -2.92
C ASP A 530 -21.12 -18.64 -3.45
N LYS A 531 -20.12 -18.14 -4.17
CA LYS A 531 -19.10 -19.01 -4.76
C LYS A 531 -17.95 -19.27 -3.78
N GLN A 532 -18.14 -18.82 -2.55
CA GLN A 532 -17.14 -19.00 -1.50
C GLN A 532 -15.76 -18.50 -1.93
N LEU A 533 -15.72 -17.31 -2.52
CA LEU A 533 -14.44 -16.72 -2.95
C LEU A 533 -13.77 -16.02 -1.78
N GLY A 534 -12.59 -15.46 -2.01
CA GLY A 534 -11.83 -14.81 -0.95
C GLY A 534 -12.31 -13.48 -0.39
N GLY A 535 -12.91 -12.64 -1.22
CA GLY A 535 -13.39 -11.36 -0.75
C GLY A 535 -13.44 -10.32 -1.85
N LEU A 536 -13.23 -9.06 -1.47
CA LEU A 536 -13.26 -7.96 -2.42
C LEU A 536 -12.12 -6.98 -2.15
N PHE A 537 -11.68 -6.29 -3.19
CA PHE A 537 -10.65 -5.27 -3.05
C PHE A 537 -11.00 -4.19 -4.07
N SER A 538 -10.48 -2.98 -3.87
CA SER A 538 -10.80 -1.87 -4.76
C SER A 538 -9.56 -1.12 -5.18
N TRP A 539 -9.59 -0.47 -6.33
CA TRP A 539 -8.42 0.30 -6.76
C TRP A 539 -8.52 1.78 -6.40
N GLU A 540 -7.58 2.14 -5.56
CA GLU A 540 -7.35 3.43 -4.94
C GLU A 540 -8.50 4.12 -4.23
N ILE A 541 -8.34 3.96 -2.92
CA ILE A 541 -9.19 4.44 -1.86
C ILE A 541 -9.46 5.94 -1.94
N ASP A 542 -8.53 6.69 -2.52
CA ASP A 542 -8.69 8.14 -2.60
C ASP A 542 -9.88 8.62 -3.44
N ALA A 543 -10.32 7.78 -4.37
CA ALA A 543 -11.44 8.14 -5.26
C ALA A 543 -12.85 7.85 -4.73
N ASP A 544 -12.96 7.15 -3.60
CA ASP A 544 -14.26 6.81 -3.04
C ASP A 544 -14.78 7.87 -2.06
N ASN A 545 -16.09 8.07 -2.04
CA ASN A 545 -16.68 9.03 -1.09
C ASN A 545 -17.18 8.23 0.12
N GLY A 546 -16.98 6.91 0.06
CA GLY A 546 -17.41 6.04 1.13
C GLY A 546 -18.44 5.01 0.70
N ASP A 547 -19.26 5.34 -0.31
CA ASP A 547 -20.30 4.43 -0.80
C ASP A 547 -19.78 3.06 -1.21
N ILE A 548 -18.65 3.04 -1.92
CA ILE A 548 -18.09 1.78 -2.39
C ILE A 548 -17.56 0.89 -1.27
N LEU A 549 -16.71 1.44 -0.42
CA LEU A 549 -16.16 0.66 0.67
C LEU A 549 -17.24 0.22 1.66
N ASN A 550 -18.26 1.06 1.86
CA ASN A 550 -19.35 0.71 2.77
C ASN A 550 -20.06 -0.53 2.23
N SER A 551 -20.32 -0.51 0.93
CA SER A 551 -21.01 -1.61 0.28
C SER A 551 -20.15 -2.88 0.24
N MET A 552 -18.84 -2.72 0.07
CA MET A 552 -17.94 -3.86 0.04
C MET A 552 -18.08 -4.62 1.36
N ASN A 553 -17.95 -3.90 2.47
CA ASN A 553 -18.05 -4.46 3.80
C ASN A 553 -19.41 -5.07 4.07
N ALA A 554 -20.47 -4.29 3.82
CA ALA A 554 -21.83 -4.75 4.05
C ALA A 554 -22.17 -6.00 3.25
N SER A 555 -21.94 -5.95 1.94
CA SER A 555 -22.26 -7.08 1.07
C SER A 555 -21.53 -8.36 1.47
N LEU A 556 -20.36 -8.23 2.09
CA LEU A 556 -19.61 -9.41 2.50
C LEU A 556 -20.04 -9.91 3.88
N GLY A 557 -20.94 -9.18 4.51
CA GLY A 557 -21.43 -9.61 5.82
C GLY A 557 -20.77 -9.03 7.06
N ASN A 558 -19.92 -8.03 6.92
CA ASN A 558 -19.29 -7.43 8.11
C ASN A 558 -20.35 -6.63 8.85
N SER A 559 -20.35 -6.73 10.18
CA SER A 559 -21.33 -6.02 11.01
C SER A 559 -20.99 -4.54 11.09
N ALA A 560 -22.02 -3.74 11.33
CA ALA A 560 -21.85 -2.30 11.46
C ALA A 560 -21.41 -1.98 12.88
N GLY A 561 -22.00 -0.97 13.49
CA GLY A 561 -21.64 -0.61 14.85
C GLY A 561 -20.66 0.53 14.91
N VAL A 562 -19.67 0.42 15.80
CA VAL A 562 -18.64 1.45 15.96
C VAL A 562 -17.34 0.84 16.51
C1 NAA B . -3.38 3.20 -12.94
C2 NAA B . -4.00 4.60 -12.66
C3 NAA B . -3.20 5.73 -13.35
C4 NAA B . -1.70 5.55 -12.84
C5 NAA B . -1.20 4.12 -13.11
C6 NAA B . 0.23 3.71 -12.69
C7 NAA B . -6.47 4.71 -12.44
C8 NAA B . -7.78 4.38 -13.13
N2 NAA B . -5.38 4.56 -13.19
O3 NAA B . -3.22 5.65 -14.79
O4 NAA B . -0.79 6.47 -13.50
O5 NAA B . -2.06 3.17 -12.47
O6 NAA B . 0.52 2.33 -13.04
O7 NAA B . -6.42 5.10 -11.24
C1 NAA B . -0.60 7.67 -12.88
C2 NAA B . 0.88 8.09 -12.77
C3 NAA B . 1.12 9.49 -12.30
C4 NAA B . 0.21 10.42 -13.15
C5 NAA B . -1.26 9.97 -13.17
C6 NAA B . -2.32 10.79 -13.95
C7 NAA B . 2.53 6.40 -12.19
C8 NAA B . 3.22 5.53 -11.20
N2 NAA B . 1.55 7.22 -11.82
O3 NAA B . 0.79 9.63 -10.92
O4 NAA B . 0.28 11.71 -12.59
O5 NAA B . -1.34 8.61 -13.71
O6 NAA B . -3.62 10.21 -13.85
O7 NAA B . 2.91 6.38 -13.35
C1 AMI C . -4.93 -1.26 -11.85
C2 AMI C . -3.47 -1.27 -12.25
C3 AMI C . -3.10 0.17 -11.99
C4 AMI C . -4.19 0.90 -12.61
C5 AMI C . -5.40 0.20 -11.97
C6 AMI C . -6.73 0.31 -12.73
C7 AMI C . -3.69 -2.29 -10.24
C8 AMI C . -2.34 -3.09 -8.37
C9 AMI C . -4.71 -3.53 -8.40
N2 AMI C . -2.74 -2.00 -11.23
N7 AMI C . -3.58 -2.94 -9.04
O3 AMI C . -1.75 0.24 -12.47
O4 AMI C . -4.12 2.26 -12.25
O6 AMI C . -6.40 0.33 -14.21
O7 AMI C . -4.94 -1.85 -10.55
#